data_7TVC
#
_entry.id   7TVC
#
_cell.length_a   85.653
_cell.length_b   85.653
_cell.length_c   30.853
_cell.angle_alpha   90.000
_cell.angle_beta   90.000
_cell.angle_gamma   90.000
#
_symmetry.space_group_name_H-M   'P 4'
#
loop_
_entity.id
_entity.type
_entity.pdbx_description
1 polymer 'Salivary short D7 protein'
2 water water
#
_entity_poly.entity_id   1
_entity_poly.type   'polypeptide(L)'
_entity_poly.pdbx_seq_one_letter_code
;VSHFKNCADKQLSDDKPLQCKIRNLQVDGNMPKVKEYMNCAFESSGWAKDGGKKLDTSKVAQDMVPYGFNIKTELDEVTK
ECETEFGAEISSIDYLACLLIDEKTKTQFKTMLMMKEADFFKQNLCN
;
_entity_poly.pdbx_strand_id   B,A
#
# COMPACT_ATOMS: atom_id res chain seq x y z
N VAL A 1 -13.79 16.05 -4.17
CA VAL A 1 -14.33 14.82 -4.75
C VAL A 1 -14.95 13.95 -3.68
N SER A 2 -16.24 13.64 -3.80
CA SER A 2 -16.88 12.65 -2.94
C SER A 2 -16.77 11.28 -3.61
N HIS A 3 -15.86 10.44 -3.11
CA HIS A 3 -15.68 9.11 -3.66
C HIS A 3 -16.91 8.25 -3.41
N PHE A 4 -17.56 8.43 -2.27
CA PHE A 4 -18.75 7.65 -1.97
C PHE A 4 -19.94 8.05 -2.84
N LYS A 5 -20.11 9.34 -3.10
CA LYS A 5 -21.19 9.76 -4.00
C LYS A 5 -20.92 9.31 -5.42
N ASN A 6 -19.68 9.45 -5.90
CA ASN A 6 -19.39 9.06 -7.27
C ASN A 6 -19.59 7.57 -7.46
N CYS A 7 -19.19 6.75 -6.49
CA CYS A 7 -19.41 5.32 -6.63
C CYS A 7 -20.89 4.98 -6.57
N ALA A 8 -21.65 5.66 -5.70
CA ALA A 8 -23.07 5.37 -5.61
C ALA A 8 -23.79 5.77 -6.89
N ASP A 9 -23.45 6.94 -7.45
CA ASP A 9 -24.12 7.39 -8.65
C ASP A 9 -23.80 6.50 -9.84
N LYS A 10 -22.63 5.87 -9.86
CA LYS A 10 -22.30 5.04 -11.01
C LYS A 10 -22.66 3.57 -10.84
N GLN A 11 -22.69 3.03 -9.62
CA GLN A 11 -23.04 1.63 -9.44
C GLN A 11 -24.45 1.42 -8.91
N LEU A 12 -25.04 2.41 -8.25
CA LEU A 12 -26.28 2.25 -7.50
C LEU A 12 -27.30 3.32 -7.88
N SER A 13 -27.22 3.85 -9.10
CA SER A 13 -28.09 4.95 -9.49
C SER A 13 -29.56 4.56 -9.44
N ASP A 14 -29.87 3.29 -9.61
CA ASP A 14 -31.22 2.74 -9.59
C ASP A 14 -31.55 2.06 -8.27
N ASP A 15 -30.74 2.26 -7.23
CA ASP A 15 -30.93 1.55 -5.96
C ASP A 15 -30.76 2.52 -4.79
N LYS A 16 -31.60 3.54 -4.78
CA LYS A 16 -31.67 4.43 -3.62
C LYS A 16 -31.86 3.69 -2.29
N PRO A 17 -32.65 2.62 -2.19
CA PRO A 17 -32.75 1.93 -0.89
C PRO A 17 -31.42 1.43 -0.35
N LEU A 18 -30.56 0.87 -1.21
CA LEU A 18 -29.24 0.48 -0.73
C LEU A 18 -28.39 1.69 -0.37
N GLN A 19 -28.51 2.78 -1.15
CA GLN A 19 -27.81 4.01 -0.79
C GLN A 19 -28.22 4.49 0.61
N CYS A 20 -29.50 4.36 0.96
CA CYS A 20 -29.94 4.71 2.30
C CYS A 20 -29.23 3.86 3.36
N LYS A 21 -29.17 2.55 3.13
CA LYS A 21 -28.50 1.69 4.09
C LYS A 21 -27.02 2.05 4.23
N ILE A 22 -26.37 2.38 3.11
CA ILE A 22 -24.98 2.84 3.17
C ILE A 22 -24.88 4.13 3.98
N ARG A 23 -25.76 5.09 3.70
CA ARG A 23 -25.79 6.34 4.46
C ARG A 23 -25.86 6.07 5.96
N ASN A 24 -26.66 5.09 6.35
CA ASN A 24 -26.88 4.73 7.74
C ASN A 24 -25.80 3.80 8.28
N LEU A 25 -24.79 3.44 7.48
CA LEU A 25 -23.76 2.48 7.88
C LEU A 25 -24.38 1.19 8.41
N GLN A 26 -25.42 0.74 7.71
CA GLN A 26 -26.12 -0.50 8.06
C GLN A 26 -26.08 -1.45 6.86
N VAL A 27 -24.88 -1.84 6.43
CA VAL A 27 -24.71 -2.77 5.32
C VAL A 27 -23.66 -3.81 5.70
N ASP A 28 -23.69 -4.93 4.97
CA ASP A 28 -22.68 -5.97 5.15
C ASP A 28 -22.47 -6.67 3.82
N GLY A 29 -21.39 -7.46 3.76
CA GLY A 29 -20.95 -8.10 2.53
C GLY A 29 -21.86 -9.19 2.01
N ASN A 30 -22.79 -9.67 2.83
CA ASN A 30 -23.76 -10.64 2.34
C ASN A 30 -24.85 -10.01 1.49
N MET A 31 -24.96 -8.68 1.50
CA MET A 31 -25.93 -8.02 0.63
C MET A 31 -25.34 -7.89 -0.77
N PRO A 32 -26.09 -8.27 -1.80
CA PRO A 32 -25.60 -8.04 -3.17
C PRO A 32 -25.21 -6.59 -3.37
N LYS A 33 -24.10 -6.39 -4.09
CA LYS A 33 -23.58 -5.11 -4.53
C LYS A 33 -22.77 -4.37 -3.47
N VAL A 34 -22.85 -4.77 -2.20
CA VAL A 34 -22.17 -4.03 -1.14
C VAL A 34 -20.66 -4.20 -1.19
N LYS A 35 -20.17 -5.44 -1.38
CA LYS A 35 -18.71 -5.60 -1.46
C LYS A 35 -18.14 -4.78 -2.60
N GLU A 36 -18.84 -4.80 -3.74
CA GLU A 36 -18.41 -4.07 -4.91
C GLU A 36 -18.41 -2.57 -4.64
N TYR A 37 -19.50 -2.06 -4.06
CA TYR A 37 -19.60 -0.64 -3.75
C TYR A 37 -18.48 -0.22 -2.82
N MET A 38 -18.27 -0.96 -1.73
CA MET A 38 -17.33 -0.49 -0.73
C MET A 38 -15.90 -0.58 -1.26
N ASN A 39 -15.60 -1.58 -2.08
CA ASN A 39 -14.30 -1.58 -2.74
C ASN A 39 -14.14 -0.38 -3.66
N CYS A 40 -15.19 -0.03 -4.41
CA CYS A 40 -15.12 1.16 -5.26
C CYS A 40 -14.81 2.41 -4.44
N ALA A 41 -15.55 2.60 -3.36
CA ALA A 41 -15.44 3.82 -2.57
C ALA A 41 -14.11 3.88 -1.84
N PHE A 42 -13.69 2.77 -1.23
CA PHE A 42 -12.39 2.74 -0.57
C PHE A 42 -11.24 2.88 -1.57
N GLU A 43 -11.37 2.28 -2.75
CA GLU A 43 -10.27 2.37 -3.71
C GLU A 43 -10.08 3.80 -4.20
N SER A 44 -11.17 4.48 -4.56
CA SER A 44 -10.97 5.83 -5.06
C SER A 44 -10.61 6.82 -3.96
N SER A 45 -10.88 6.47 -2.70
CA SER A 45 -10.40 7.25 -1.56
C SER A 45 -8.91 7.06 -1.30
N GLY A 46 -8.27 6.11 -1.96
CA GLY A 46 -6.89 5.77 -1.68
C GLY A 46 -6.71 4.87 -0.49
N TRP A 47 -7.77 4.26 0.01
CA TRP A 47 -7.72 3.39 1.19
C TRP A 47 -7.54 1.92 0.80
N ALA A 48 -8.32 1.43 -0.16
CA ALA A 48 -8.22 0.04 -0.57
C ALA A 48 -7.07 -0.16 -1.54
N LYS A 49 -6.21 -1.10 -1.22
CA LYS A 49 -5.11 -1.50 -2.09
C LYS A 49 -5.32 -2.95 -2.49
N ASP A 50 -4.67 -3.35 -3.58
CA ASP A 50 -4.76 -4.72 -4.10
C ASP A 50 -6.21 -5.13 -4.37
N GLY A 51 -7.03 -4.17 -4.78
CA GLY A 51 -8.41 -4.44 -5.12
C GLY A 51 -9.33 -4.58 -3.93
N GLY A 52 -8.87 -4.26 -2.73
CA GLY A 52 -9.65 -4.45 -1.52
C GLY A 52 -9.00 -5.35 -0.49
N LYS A 53 -7.94 -6.07 -0.85
CA LYS A 53 -7.29 -7.01 0.06
C LYS A 53 -6.47 -6.32 1.13
N LYS A 54 -6.02 -5.10 0.89
CA LYS A 54 -5.18 -4.38 1.83
C LYS A 54 -5.76 -3.00 2.08
N LEU A 55 -5.40 -2.40 3.21
CA LEU A 55 -5.87 -1.08 3.60
C LEU A 55 -4.65 -0.21 3.88
N ASP A 56 -4.61 0.98 3.28
CA ASP A 56 -3.52 1.94 3.47
C ASP A 56 -3.93 2.86 4.62
N THR A 57 -3.46 2.55 5.83
CA THR A 57 -3.81 3.36 6.99
C THR A 57 -3.16 4.72 6.96
N SER A 58 -2.05 4.88 6.22
CA SER A 58 -1.44 6.20 6.14
C SER A 58 -2.33 7.18 5.36
N LYS A 59 -3.06 6.71 4.36
CA LYS A 59 -3.98 7.59 3.65
C LYS A 59 -5.19 7.91 4.51
N VAL A 60 -5.71 6.92 5.23
CA VAL A 60 -6.78 7.20 6.19
C VAL A 60 -6.33 8.27 7.18
N ALA A 61 -5.10 8.12 7.71
CA ALA A 61 -4.59 9.11 8.66
C ALA A 61 -4.45 10.48 8.00
N GLN A 62 -3.90 10.54 6.79
CA GLN A 62 -3.83 11.82 6.06
C GLN A 62 -5.20 12.50 6.02
N ASP A 63 -6.24 11.73 5.66
CA ASP A 63 -7.58 12.27 5.52
C ASP A 63 -8.16 12.76 6.84
N MET A 64 -7.68 12.23 7.98
CA MET A 64 -8.20 12.62 9.27
C MET A 64 -7.55 13.88 9.84
N VAL A 65 -6.37 14.26 9.33
CA VAL A 65 -5.66 15.44 9.90
C VAL A 65 -6.51 16.69 9.92
N PRO A 66 -7.26 17.06 8.86
CA PRO A 66 -8.06 18.29 8.92
C PRO A 66 -9.14 18.27 10.00
N TYR A 67 -9.46 17.12 10.56
CA TYR A 67 -10.46 16.98 11.62
C TYR A 67 -9.82 16.88 13.00
N GLY A 68 -8.51 17.10 13.09
CA GLY A 68 -7.84 17.20 14.37
C GLY A 68 -7.46 15.87 15.00
N PHE A 69 -7.49 14.78 14.24
CA PHE A 69 -7.18 13.46 14.79
C PHE A 69 -5.83 12.98 14.30
N ASN A 70 -5.18 12.19 15.15
CA ASN A 70 -4.06 11.38 14.69
C ASN A 70 -4.08 10.10 15.53
N ILE A 71 -4.62 9.03 14.93
CA ILE A 71 -4.70 7.72 15.59
C ILE A 71 -4.10 6.66 14.68
N LYS A 72 -2.98 7.00 14.03
CA LYS A 72 -2.38 6.08 13.07
C LYS A 72 -2.02 4.74 13.71
N THR A 73 -1.49 4.75 14.92
CA THR A 73 -1.14 3.49 15.57
C THR A 73 -2.37 2.63 15.80
N GLU A 74 -3.46 3.25 16.26
CA GLU A 74 -4.70 2.52 16.46
C GLU A 74 -5.23 1.97 15.15
N LEU A 75 -5.17 2.77 14.08
CA LEU A 75 -5.59 2.28 12.77
C LEU A 75 -4.79 1.06 12.36
N ASP A 76 -3.48 1.08 12.59
CA ASP A 76 -2.64 -0.07 12.28
C ASP A 76 -3.08 -1.29 13.07
N GLU A 77 -3.35 -1.13 14.36
CA GLU A 77 -3.72 -2.26 15.21
C GLU A 77 -5.05 -2.87 14.76
N VAL A 78 -6.04 -2.02 14.52
CA VAL A 78 -7.36 -2.51 14.11
C VAL A 78 -7.27 -3.20 12.75
N THR A 79 -6.49 -2.63 11.84
CA THR A 79 -6.33 -3.21 10.51
C THR A 79 -5.66 -4.58 10.58
N LYS A 80 -4.64 -4.71 11.42
CA LYS A 80 -3.97 -5.99 11.57
C LYS A 80 -4.91 -7.05 12.13
N GLU A 81 -5.71 -6.71 13.16
CA GLU A 81 -6.68 -7.66 13.69
C GLU A 81 -7.71 -8.03 12.63
N CYS A 82 -8.12 -7.08 11.80
CA CYS A 82 -9.06 -7.37 10.73
C CYS A 82 -8.48 -8.38 9.76
N GLU A 83 -7.21 -8.19 9.38
CA GLU A 83 -6.54 -9.10 8.46
C GLU A 83 -6.40 -10.48 9.06
N THR A 84 -6.07 -10.59 10.34
CA THR A 84 -6.00 -11.91 10.97
C THR A 84 -7.34 -12.63 10.89
N GLU A 85 -8.43 -11.88 11.07
CA GLU A 85 -9.76 -12.49 11.08
C GLU A 85 -10.18 -12.96 9.69
N PHE A 86 -9.97 -12.16 8.65
CA PHE A 86 -10.53 -12.44 7.33
C PHE A 86 -9.52 -12.99 6.32
N GLY A 87 -8.23 -12.78 6.55
CA GLY A 87 -7.19 -13.37 5.71
C GLY A 87 -7.33 -13.01 4.24
N ALA A 88 -7.13 -14.02 3.40
CA ALA A 88 -7.13 -13.80 1.95
C ALA A 88 -8.49 -13.39 1.41
N GLU A 89 -9.57 -13.59 2.16
CA GLU A 89 -10.93 -13.27 1.74
C GLU A 89 -11.37 -11.87 2.14
N ILE A 90 -10.49 -11.07 2.72
CA ILE A 90 -10.89 -9.76 3.22
C ILE A 90 -11.20 -8.80 2.07
N SER A 91 -12.11 -7.86 2.32
CA SER A 91 -12.38 -6.79 1.37
C SER A 91 -12.71 -5.52 2.15
N SER A 92 -13.01 -4.45 1.40
CA SER A 92 -13.19 -3.13 2.00
C SER A 92 -14.32 -3.11 3.02
N ILE A 93 -15.43 -3.84 2.77
CA ILE A 93 -16.53 -3.86 3.74
C ILE A 93 -16.06 -4.41 5.09
N ASP A 94 -15.12 -5.37 5.09
CA ASP A 94 -14.60 -5.89 6.35
C ASP A 94 -13.76 -4.86 7.07
N TYR A 95 -12.87 -4.18 6.35
CA TYR A 95 -12.09 -3.11 6.97
C TYR A 95 -12.99 -2.03 7.53
N LEU A 96 -14.03 -1.63 6.78
CA LEU A 96 -14.98 -0.65 7.29
C LEU A 96 -15.60 -1.12 8.60
N ALA A 97 -16.11 -2.34 8.62
CA ALA A 97 -16.76 -2.84 9.82
C ALA A 97 -15.79 -2.88 10.99
N CYS A 98 -14.55 -3.34 10.74
CA CYS A 98 -13.55 -3.36 11.81
C CYS A 98 -13.33 -1.97 12.41
N LEU A 99 -13.23 -0.95 11.55
CA LEU A 99 -13.02 0.42 12.03
C LEU A 99 -14.22 0.95 12.79
N LEU A 100 -15.43 0.57 12.36
CA LEU A 100 -16.65 1.05 12.98
C LEU A 100 -16.99 0.33 14.29
N ILE A 101 -16.42 -0.84 14.50
CA ILE A 101 -16.72 -1.62 15.70
C ILE A 101 -15.73 -1.33 16.83
N ASP A 102 -14.51 -0.91 16.52
CA ASP A 102 -13.49 -0.78 17.55
C ASP A 102 -13.57 0.58 18.21
N GLU A 103 -13.62 0.60 19.55
CA GLU A 103 -13.63 1.85 20.29
C GLU A 103 -12.41 2.72 20.01
N LYS A 104 -11.28 2.12 19.59
CA LYS A 104 -10.08 2.90 19.31
C LYS A 104 -10.25 3.83 18.11
N THR A 105 -11.13 3.48 17.18
CA THR A 105 -11.15 4.11 15.86
C THR A 105 -12.49 4.65 15.44
N LYS A 106 -13.60 4.15 16.00
CA LYS A 106 -14.89 4.33 15.33
C LYS A 106 -15.34 5.79 15.30
N THR A 107 -15.20 6.53 16.40
CA THR A 107 -15.78 7.87 16.42
C THR A 107 -14.97 8.83 15.57
N GLN A 108 -13.65 8.71 15.63
CA GLN A 108 -12.78 9.54 14.82
C GLN A 108 -12.98 9.24 13.34
N PHE A 109 -13.03 7.96 12.99
CA PHE A 109 -13.23 7.59 11.60
C PHE A 109 -14.57 8.09 11.08
N LYS A 110 -15.63 7.96 11.89
CA LYS A 110 -16.94 8.41 11.43
C LYS A 110 -16.99 9.92 11.25
N THR A 111 -16.29 10.67 12.12
CA THR A 111 -16.29 12.11 11.95
C THR A 111 -15.64 12.48 10.63
N MET A 112 -14.45 11.92 10.37
CA MET A 112 -13.80 12.19 9.08
C MET A 112 -14.69 11.78 7.92
N LEU A 113 -15.30 10.61 8.01
CA LEU A 113 -16.10 10.10 6.91
C LEU A 113 -17.30 10.98 6.65
N MET A 114 -18.03 11.35 7.71
CA MET A 114 -19.23 12.17 7.52
C MET A 114 -18.88 13.55 6.96
N MET A 115 -17.76 14.12 7.39
CA MET A 115 -17.39 15.46 6.95
C MET A 115 -16.77 15.42 5.56
N LYS A 116 -15.77 14.56 5.37
CA LYS A 116 -15.06 14.54 4.08
C LYS A 116 -15.96 14.04 2.97
N GLU A 117 -16.84 13.08 3.26
CA GLU A 117 -17.76 12.51 2.29
C GLU A 117 -19.18 13.05 2.47
N ALA A 118 -19.29 14.28 2.99
CA ALA A 118 -20.58 14.92 3.21
C ALA A 118 -21.45 14.94 1.97
N ASP A 119 -20.86 15.12 0.78
CA ASP A 119 -21.70 15.19 -0.42
C ASP A 119 -22.49 13.92 -0.64
N PHE A 120 -21.98 12.78 -0.16
CA PHE A 120 -22.80 11.57 -0.16
C PHE A 120 -23.69 11.51 1.08
N PHE A 121 -23.09 11.62 2.26
CA PHE A 121 -23.80 11.29 3.50
C PHE A 121 -24.86 12.30 3.90
N LYS A 122 -24.80 13.52 3.36
CA LYS A 122 -25.80 14.52 3.72
C LYS A 122 -27.10 14.37 2.94
N GLN A 123 -27.11 13.57 1.87
CA GLN A 123 -28.23 13.53 0.95
C GLN A 123 -29.47 12.95 1.61
N ASN A 124 -30.63 13.39 1.13
CA ASN A 124 -31.89 12.82 1.56
C ASN A 124 -32.07 11.50 0.83
N LEU A 125 -31.53 10.42 1.41
CA LEU A 125 -31.58 9.10 0.79
C LEU A 125 -32.60 8.17 1.42
N CYS A 126 -33.13 8.51 2.59
CA CYS A 126 -33.97 7.59 3.34
C CYS A 126 -35.40 8.09 3.50
N VAL B 1 12.93 6.94 -16.49
CA VAL B 1 13.49 7.40 -15.23
C VAL B 1 14.16 6.24 -14.48
N SER B 2 15.48 6.34 -14.22
CA SER B 2 16.14 5.40 -13.32
C SER B 2 16.11 5.99 -11.92
N HIS B 3 15.24 5.44 -11.08
CA HIS B 3 15.14 5.89 -9.71
C HIS B 3 16.40 5.57 -8.93
N PHE B 4 17.04 4.44 -9.23
CA PHE B 4 18.27 4.10 -8.53
C PHE B 4 19.43 5.02 -8.93
N LYS B 5 19.52 5.37 -10.21
CA LYS B 5 20.58 6.30 -10.63
C LYS B 5 20.36 7.68 -10.03
N ASN B 6 19.13 8.18 -10.07
CA ASN B 6 18.88 9.51 -9.54
C ASN B 6 19.18 9.58 -8.04
N CYS B 7 18.79 8.55 -7.30
CA CYS B 7 19.11 8.53 -5.88
C CYS B 7 20.62 8.46 -5.63
N ALA B 8 21.33 7.67 -6.43
CA ALA B 8 22.78 7.55 -6.25
C ALA B 8 23.49 8.85 -6.59
N ASP B 9 23.06 9.51 -7.66
CA ASP B 9 23.69 10.77 -8.04
C ASP B 9 23.43 11.85 -7.00
N LYS B 10 22.26 11.82 -6.36
CA LYS B 10 21.90 12.81 -5.35
C LYS B 10 22.60 12.55 -4.02
N GLN B 11 22.66 11.30 -3.56
CA GLN B 11 23.12 10.99 -2.21
C GLN B 11 24.55 10.47 -2.14
N LEU B 12 25.07 9.90 -3.24
CA LEU B 12 26.32 9.14 -3.19
C LEU B 12 27.31 9.59 -4.25
N SER B 13 27.21 10.84 -4.71
CA SER B 13 28.06 11.27 -5.82
C SER B 13 29.54 11.24 -5.46
N ASP B 14 29.88 11.40 -4.18
CA ASP B 14 31.25 11.34 -3.70
C ASP B 14 31.67 9.95 -3.22
N ASP B 15 30.82 8.94 -3.42
CA ASP B 15 31.03 7.61 -2.85
C ASP B 15 30.83 6.56 -3.95
N LYS B 16 31.73 6.61 -4.94
CA LYS B 16 31.74 5.59 -5.99
C LYS B 16 31.88 4.18 -5.45
N PRO B 17 32.71 3.88 -4.43
CA PRO B 17 32.78 2.49 -3.96
C PRO B 17 31.43 1.96 -3.51
N LEU B 18 30.64 2.76 -2.80
CA LEU B 18 29.34 2.26 -2.36
C LEU B 18 28.41 2.06 -3.55
N GLN B 19 28.50 2.92 -4.57
CA GLN B 19 27.70 2.68 -5.77
C GLN B 19 28.06 1.36 -6.41
N CYS B 20 29.36 1.01 -6.43
CA CYS B 20 29.77 -0.29 -6.93
C CYS B 20 29.12 -1.43 -6.13
N LYS B 21 29.12 -1.33 -4.80
CA LYS B 21 28.47 -2.37 -4.00
C LYS B 21 26.98 -2.48 -4.29
N ILE B 22 26.31 -1.35 -4.50
CA ILE B 22 24.89 -1.38 -4.86
C ILE B 22 24.71 -2.07 -6.22
N ARG B 23 25.55 -1.73 -7.20
CA ARG B 23 25.49 -2.38 -8.51
C ARG B 23 25.61 -3.89 -8.36
N ASN B 24 26.46 -4.33 -7.44
CA ASN B 24 26.73 -5.74 -7.19
C ASN B 24 25.73 -6.38 -6.24
N LEU B 25 24.75 -5.62 -5.75
CA LEU B 25 23.78 -6.10 -4.76
C LEU B 25 24.49 -6.70 -3.56
N GLN B 26 25.61 -6.07 -3.16
CA GLN B 26 26.41 -6.52 -2.03
C GLN B 26 26.39 -5.46 -0.94
N VAL B 27 25.19 -5.11 -0.50
CA VAL B 27 24.99 -4.11 0.55
C VAL B 27 24.04 -4.69 1.58
N ASP B 28 24.10 -4.11 2.78
CA ASP B 28 23.19 -4.48 3.85
C ASP B 28 22.82 -3.25 4.66
N GLY B 29 21.81 -3.40 5.51
CA GLY B 29 21.25 -2.28 6.25
C GLY B 29 22.13 -1.74 7.36
N ASN B 30 23.18 -2.46 7.74
CA ASN B 30 24.10 -1.94 8.75
C ASN B 30 25.20 -1.07 8.16
N MET B 31 25.27 -0.94 6.84
CA MET B 31 26.28 -0.08 6.23
C MET B 31 25.79 1.36 6.25
N PRO B 32 26.63 2.31 6.67
CA PRO B 32 26.22 3.73 6.63
C PRO B 32 25.68 4.12 5.26
N LYS B 33 24.59 4.88 5.27
CA LYS B 33 23.92 5.48 4.11
C LYS B 33 23.08 4.51 3.30
N VAL B 34 23.17 3.19 3.53
CA VAL B 34 22.46 2.25 2.68
C VAL B 34 20.96 2.26 2.97
N LYS B 35 20.56 2.35 4.24
CA LYS B 35 19.13 2.41 4.53
C LYS B 35 18.48 3.61 3.87
N GLU B 36 19.13 4.77 3.97
CA GLU B 36 18.60 5.97 3.36
C GLU B 36 18.58 5.87 1.85
N TYR B 37 19.64 5.31 1.24
CA TYR B 37 19.67 5.13 -0.20
C TYR B 37 18.53 4.25 -0.66
N MET B 38 18.36 3.09 -0.01
CA MET B 38 17.37 2.15 -0.48
C MET B 38 15.96 2.66 -0.25
N ASN B 39 15.73 3.41 0.84
CA ASN B 39 14.44 4.08 0.99
C ASN B 39 14.19 5.07 -0.14
N CYS B 40 15.21 5.86 -0.50
CA CYS B 40 15.06 6.79 -1.63
C CYS B 40 14.68 6.05 -2.90
N ALA B 41 15.40 4.97 -3.18
CA ALA B 41 15.21 4.27 -4.45
C ALA B 41 13.86 3.57 -4.47
N PHE B 42 13.49 2.91 -3.37
CA PHE B 42 12.18 2.26 -3.31
C PHE B 42 11.04 3.28 -3.30
N GLU B 43 11.22 4.40 -2.61
CA GLU B 43 10.16 5.40 -2.58
C GLU B 43 9.87 5.95 -3.97
N SER B 44 10.92 6.31 -4.70
CA SER B 44 10.66 6.90 -6.01
C SER B 44 10.26 5.86 -7.05
N SER B 45 10.57 4.59 -6.81
CA SER B 45 10.03 3.51 -7.63
C SER B 45 8.55 3.22 -7.36
N GLY B 46 7.98 3.80 -6.31
CA GLY B 46 6.62 3.48 -5.95
C GLY B 46 6.47 2.22 -5.14
N TRP B 47 7.56 1.67 -4.61
CA TRP B 47 7.53 0.41 -3.86
C TRP B 47 7.42 0.64 -2.37
N ALA B 48 8.07 1.66 -1.85
CA ALA B 48 8.06 1.90 -0.41
C ALA B 48 6.85 2.74 -0.07
N LYS B 49 6.09 2.28 0.91
CA LYS B 49 4.97 3.03 1.43
C LYS B 49 5.13 3.13 2.94
N ASP B 50 4.46 4.14 3.52
CA ASP B 50 4.42 4.31 4.96
C ASP B 50 5.82 4.38 5.54
N GLY B 51 6.64 5.24 4.94
CA GLY B 51 7.98 5.48 5.44
C GLY B 51 8.92 4.34 5.23
N GLY B 52 8.59 3.41 4.33
CA GLY B 52 9.37 2.22 4.12
C GLY B 52 8.90 1.00 4.89
N LYS B 53 7.89 1.13 5.75
CA LYS B 53 7.44 -0.02 6.51
C LYS B 53 6.59 -0.99 5.71
N LYS B 54 6.02 -0.54 4.60
CA LYS B 54 5.19 -1.38 3.76
C LYS B 54 5.77 -1.43 2.36
N LEU B 55 5.56 -2.55 1.68
CA LEU B 55 6.00 -2.73 0.31
C LEU B 55 4.78 -2.85 -0.60
N ASP B 56 4.72 -2.00 -1.62
CA ASP B 56 3.63 -2.02 -2.59
C ASP B 56 3.93 -3.11 -3.62
N THR B 57 3.46 -4.32 -3.33
CA THR B 57 3.69 -5.42 -4.23
C THR B 57 2.88 -5.30 -5.51
N SER B 58 1.80 -4.51 -5.51
CA SER B 58 1.11 -4.27 -6.76
C SER B 58 1.96 -3.45 -7.72
N LYS B 59 2.72 -2.47 -7.20
CA LYS B 59 3.60 -1.70 -8.07
C LYS B 59 4.76 -2.53 -8.56
N VAL B 60 5.34 -3.36 -7.68
CA VAL B 60 6.37 -4.29 -8.12
C VAL B 60 5.84 -5.18 -9.23
N ALA B 61 4.63 -5.71 -9.06
CA ALA B 61 4.04 -6.55 -10.09
C ALA B 61 3.83 -5.78 -11.40
N GLN B 62 3.31 -4.55 -11.32
CA GLN B 62 3.18 -3.70 -12.50
C GLN B 62 4.49 -3.59 -13.24
N ASP B 63 5.57 -3.34 -12.49
CA ASP B 63 6.89 -3.14 -13.09
C ASP B 63 7.40 -4.41 -13.74
N MET B 64 6.94 -5.58 -13.30
CA MET B 64 7.43 -6.84 -13.86
CA MET B 64 7.38 -6.88 -13.81
CA MET B 64 7.42 -6.84 -13.85
C MET B 64 6.67 -7.30 -15.09
N VAL B 65 5.47 -6.75 -15.36
CA VAL B 65 4.68 -7.20 -16.51
C VAL B 65 5.45 -7.11 -17.82
N PRO B 66 6.20 -6.03 -18.14
CA PRO B 66 6.92 -5.97 -19.41
C PRO B 66 7.97 -7.05 -19.56
N TYR B 67 8.36 -7.72 -18.49
CA TYR B 67 9.34 -8.79 -18.53
C TYR B 67 8.72 -10.18 -18.50
N GLY B 68 7.39 -10.24 -18.63
CA GLY B 68 6.70 -11.50 -18.75
C GLY B 68 6.45 -12.25 -17.47
N PHE B 69 6.57 -11.60 -16.32
CA PHE B 69 6.34 -12.26 -15.04
C PHE B 69 5.02 -11.83 -14.42
N ASN B 70 4.43 -12.74 -13.68
CA ASN B 70 3.38 -12.38 -12.74
C ASN B 70 3.51 -13.34 -11.56
N ILE B 71 4.15 -12.84 -10.49
CA ILE B 71 4.34 -13.62 -9.28
C ILE B 71 3.79 -12.83 -8.09
N LYS B 72 2.62 -12.20 -8.29
CA LYS B 72 2.08 -11.34 -7.24
C LYS B 72 1.86 -12.10 -5.94
N THR B 73 1.34 -13.32 -6.02
CA THR B 73 1.11 -14.10 -4.81
C THR B 73 2.41 -14.37 -4.07
N GLU B 74 3.45 -14.74 -4.79
CA GLU B 74 4.76 -14.98 -4.18
C GLU B 74 5.31 -13.71 -3.54
N LEU B 75 5.17 -12.58 -4.25
CA LEU B 75 5.61 -11.32 -3.68
C LEU B 75 4.90 -11.04 -2.35
N ASP B 76 3.59 -11.28 -2.29
CA ASP B 76 2.85 -11.08 -1.05
C ASP B 76 3.38 -11.99 0.06
N GLU B 77 3.68 -13.25 -0.27
CA GLU B 77 4.14 -14.18 0.76
C GLU B 77 5.49 -13.75 1.32
N VAL B 78 6.41 -13.39 0.44
CA VAL B 78 7.76 -13.01 0.87
C VAL B 78 7.71 -11.73 1.68
N THR B 79 6.89 -10.77 1.24
CA THR B 79 6.75 -9.50 1.96
C THR B 79 6.20 -9.71 3.35
N LYS B 80 5.17 -10.56 3.49
CA LYS B 80 4.60 -10.84 4.79
C LYS B 80 5.63 -11.48 5.71
N GLU B 81 6.38 -12.46 5.20
CA GLU B 81 7.42 -13.07 6.01
C GLU B 81 8.48 -12.06 6.43
N CYS B 82 8.81 -11.13 5.54
CA CYS B 82 9.77 -10.08 5.86
C CYS B 82 9.27 -9.21 7.00
N GLU B 83 8.01 -8.80 6.93
CA GLU B 83 7.39 -7.98 7.98
C GLU B 83 7.46 -8.70 9.32
N THR B 84 7.14 -9.98 9.33
CA THR B 84 7.17 -10.74 10.58
C THR B 84 8.58 -10.76 11.17
N GLU B 85 9.59 -10.90 10.30
CA GLU B 85 10.97 -10.96 10.77
C GLU B 85 11.43 -9.63 11.36
N PHE B 86 11.16 -8.52 10.68
CA PHE B 86 11.77 -7.25 11.05
C PHE B 86 10.87 -6.33 11.86
N GLY B 87 9.56 -6.55 11.84
CA GLY B 87 8.66 -5.82 12.72
C GLY B 87 8.59 -4.33 12.40
N ALA B 88 8.36 -3.54 13.45
CA ALA B 88 8.14 -2.11 13.28
C ALA B 88 9.35 -1.39 12.73
N GLU B 89 10.54 -1.97 12.86
CA GLU B 89 11.76 -1.35 12.39
C GLU B 89 12.09 -1.67 10.93
N ILE B 90 11.18 -2.32 10.19
CA ILE B 90 11.50 -2.75 8.83
C ILE B 90 11.62 -1.54 7.91
N SER B 91 12.49 -1.64 6.92
CA SER B 91 12.62 -0.57 5.93
C SER B 91 12.93 -1.21 4.57
N SER B 92 13.12 -0.36 3.55
CA SER B 92 13.25 -0.85 2.18
C SER B 92 14.41 -1.83 2.00
N ILE B 93 15.55 -1.59 2.67
CA ILE B 93 16.70 -2.50 2.53
C ILE B 93 16.33 -3.90 3.00
N ASP B 94 15.46 -4.01 4.01
CA ASP B 94 15.05 -5.33 4.48
C ASP B 94 14.18 -6.03 3.45
N TYR B 95 13.23 -5.30 2.86
CA TYR B 95 12.42 -5.88 1.80
C TYR B 95 13.27 -6.31 0.61
N LEU B 96 14.25 -5.47 0.23
CA LEU B 96 15.16 -5.86 -0.86
C LEU B 96 15.84 -7.18 -0.54
N ALA B 97 16.41 -7.29 0.65
CA ALA B 97 17.10 -8.53 1.00
C ALA B 97 16.16 -9.71 0.97
N CYS B 98 14.95 -9.56 1.52
CA CYS B 98 13.99 -10.67 1.50
C CYS B 98 13.68 -11.11 0.07
N LEU B 99 13.47 -10.16 -0.83
CA LEU B 99 13.15 -10.47 -2.21
C LEU B 99 14.32 -11.14 -2.93
N LEU B 100 15.55 -10.75 -2.60
CA LEU B 100 16.74 -11.31 -3.24
C LEU B 100 17.17 -12.64 -2.67
N ILE B 101 16.70 -13.00 -1.48
CA ILE B 101 17.08 -14.27 -0.89
C ILE B 101 16.07 -15.38 -1.20
N ASP B 102 14.79 -15.04 -1.39
CA ASP B 102 13.78 -16.07 -1.53
C ASP B 102 13.75 -16.62 -2.95
N GLU B 103 13.81 -17.95 -3.07
CA GLU B 103 13.76 -18.60 -4.37
C GLU B 103 12.47 -18.29 -5.13
N LYS B 104 11.40 -17.90 -4.43
CA LYS B 104 10.14 -17.62 -5.11
C LYS B 104 10.21 -16.32 -5.92
N THR B 105 11.09 -15.40 -5.55
CA THR B 105 11.04 -14.05 -6.08
C THR B 105 12.35 -13.57 -6.70
N LYS B 106 13.49 -14.14 -6.33
CA LYS B 106 14.75 -13.44 -6.57
C LYS B 106 15.08 -13.30 -8.05
N THR B 107 14.87 -14.33 -8.84
CA THR B 107 15.35 -14.25 -10.22
C THR B 107 14.48 -13.32 -11.04
N GLN B 108 13.16 -13.39 -10.84
CA GLN B 108 12.24 -12.50 -11.53
C GLN B 108 12.45 -11.06 -11.11
N PHE B 109 12.62 -10.84 -9.80
CA PHE B 109 12.85 -9.49 -9.31
C PHE B 109 14.15 -8.91 -9.88
N LYS B 110 15.22 -9.71 -9.88
CA LYS B 110 16.49 -9.22 -10.42
C LYS B 110 16.41 -8.93 -11.90
N THR B 111 15.67 -9.73 -12.68
CA THR B 111 15.54 -9.42 -14.10
C THR B 111 14.86 -8.08 -14.30
N MET B 112 13.72 -7.89 -13.63
CA MET B 112 13.05 -6.60 -13.71
C MET B 112 13.96 -5.47 -13.26
N LEU B 113 14.66 -5.66 -12.16
CA LEU B 113 15.50 -4.59 -11.63
C LEU B 113 16.64 -4.24 -12.59
N MET B 114 17.36 -5.25 -13.09
CA MET B 114 18.49 -4.98 -13.99
C MET B 114 18.03 -4.31 -15.27
N MET B 115 16.87 -4.71 -15.80
CA MET B 115 16.36 -4.14 -17.05
C MET B 115 15.73 -2.78 -16.84
N LYS B 116 14.81 -2.67 -15.89
CA LYS B 116 14.11 -1.40 -15.71
C LYS B 116 15.05 -0.32 -15.20
N GLU B 117 15.97 -0.68 -14.30
CA GLU B 117 16.94 0.23 -13.74
C GLU B 117 18.31 0.12 -14.42
N ALA B 118 18.30 -0.25 -15.70
CA ALA B 118 19.54 -0.41 -16.46
C ALA B 118 20.41 0.84 -16.44
N ASP B 119 19.81 2.04 -16.46
CA ASP B 119 20.65 3.24 -16.49
C ASP B 119 21.51 3.36 -15.24
N PHE B 120 21.09 2.78 -14.12
CA PHE B 120 22.01 2.65 -12.99
C PHE B 120 22.93 1.44 -13.12
N PHE B 121 22.34 0.25 -13.32
CA PHE B 121 23.09 -0.99 -13.15
C PHE B 121 24.07 -1.26 -14.27
N LYS B 122 23.90 -0.63 -15.45
CA LYS B 122 24.83 -0.82 -16.56
C LYS B 122 26.08 0.03 -16.44
N GLN B 123 26.11 1.01 -15.53
CA GLN B 123 27.22 1.95 -15.46
C GLN B 123 28.50 1.26 -15.05
N ASN B 124 29.62 1.84 -15.51
CA ASN B 124 30.93 1.32 -15.12
C ASN B 124 31.26 1.88 -13.74
N LEU B 125 30.68 1.26 -12.72
CA LEU B 125 30.84 1.71 -11.34
C LEU B 125 31.95 0.98 -10.60
N CYS B 126 32.42 -0.15 -11.10
CA CYS B 126 33.40 -0.95 -10.40
C CYS B 126 34.69 -1.05 -11.22
#